data_8KEX
#
_entry.id   8KEX
#
_cell.length_a   1.00
_cell.length_b   1.00
_cell.length_c   1.00
_cell.angle_alpha   90.00
_cell.angle_beta   90.00
_cell.angle_gamma   90.00
#
_symmetry.space_group_name_H-M   'P 1'
#
loop_
_entity.id
_entity.type
_entity.pdbx_description
1 polymer 'Soluble cytochrome b562,Mas-related G-protein coupled receptor member X4,Green fluorescent protein'
2 non-polymer '(4~{R})-4-[(3~{R},5~{R},8~{R},9~{S},10~{S},12~{S},13~{R},14~{S},17~{R})-10,13-dimethyl-12-oxidanyl-3-phosphonooxy-2,3,4,5,6,7,8,9,11,12,14,15,16,17-tetradecahydro-1~{H}-cyclopenta[a]phenanthren-17-yl]pentanoic acid'
#
_entity_poly.entity_id   1
_entity_poly.type   'polypeptide(L)'
_entity_poly.pdbx_seq_one_letter_code
;DYKDDDDKEFADLEDNWETLNDNLKVIEKADNAAQVKDALTKMRAAALDAQKATPPKLEDKSPDSPEMKDFRHGFDILVG
QIDDALKLANEGKVKEAQAAAEQLKTTRNAYIQKYLMDPTVPVFGTKLTPINGREETPCYNQTLSFTVLTCIISLVGLTG
NAVVLWLLGYRMRRNAVSIYILNLAAADFLFLSFQIIRLPLRLINISHLIRKILVSVMTFPYFTGLSMLSAISTERCLSV
LWPIWYRCRRPTHLSAVVCVLLWGLSLLFSMLEWRFCDFLFSGADSSWCETSDFIPVAWLIFLCVVLCVSSLVLLVRILC
GSRKMPLTRLYVTILLTVLVFLLCGLPFGILGALIYRMHLNLEVLYCHVYLVCMSLSSLNSSANPIIYFFVGSFRQRQNR
QNLKLVLQRALQDKPEVDKGEGQLPEESLELSGSRLGPLELEVLFQGPSKGEELFTGVVPILVELDGDVNGHKFSVRGEG
EGDATNGKLTLKFICTTGKLPVPWPTLVTTLTYGVQCFSRYPDHMKRHDFFKSAMPEGYVQERTISFKDDGTYKTRAEVK
FEGDTLVNRIELKGIDFKEDGNILGHKLEYNFNSHNVYITADKQKNGIKANFKIRHNVEDGSVQLADHYQQNTPIGDGPV
LLPDNHYLSTQSVLSKDPNEKRDHMVLLEFVTAAGITHGMDEWSHPQFEKGGGSGGGSGGSAWSHPQFEK
;
_entity_poly.pdbx_strand_id   E
#
# COMPACT_ATOMS: atom_id res chain seq x y z
N PRO A 138 22.50 -11.17 -3.18
CA PRO A 138 23.15 -10.26 -4.12
C PRO A 138 23.72 -11.02 -5.33
N CYS A 139 23.56 -10.48 -6.53
CA CYS A 139 24.06 -11.18 -7.72
C CYS A 139 25.57 -11.33 -7.66
N TYR A 140 26.30 -10.22 -7.82
CA TYR A 140 27.71 -10.18 -7.48
C TYR A 140 28.03 -8.90 -6.71
N ASN A 141 27.44 -7.80 -7.15
CA ASN A 141 27.73 -6.44 -6.70
C ASN A 141 26.47 -5.59 -6.92
N GLN A 142 26.64 -4.27 -6.90
CA GLN A 142 25.56 -3.32 -7.22
C GLN A 142 24.39 -3.46 -6.25
N THR A 143 24.66 -3.93 -5.04
CA THR A 143 23.66 -4.08 -4.01
C THR A 143 23.80 -3.08 -2.87
N LEU A 144 25.03 -2.71 -2.51
CA LEU A 144 25.24 -1.84 -1.37
C LEU A 144 24.62 -0.46 -1.59
N SER A 145 24.85 0.13 -2.77
CA SER A 145 24.24 1.43 -3.05
C SER A 145 22.73 1.33 -3.14
N PHE A 146 22.22 0.21 -3.66
CA PHE A 146 20.78 0.03 -3.79
C PHE A 146 20.12 -0.04 -2.42
N THR A 147 20.69 -0.82 -1.50
CA THR A 147 20.11 -0.88 -0.17
C THR A 147 20.35 0.40 0.61
N VAL A 148 21.42 1.14 0.30
CA VAL A 148 21.64 2.43 0.94
C VAL A 148 20.54 3.42 0.54
N LEU A 149 20.22 3.45 -0.76
CA LEU A 149 19.13 4.31 -1.22
C LEU A 149 17.81 3.86 -0.61
N THR A 150 17.57 2.55 -0.53
CA THR A 150 16.37 2.05 0.10
C THR A 150 16.29 2.49 1.56
N CYS A 151 17.42 2.42 2.28
CA CYS A 151 17.44 2.77 3.69
C CYS A 151 17.21 4.27 3.90
N ILE A 152 17.79 5.11 3.04
CA ILE A 152 17.58 6.55 3.16
C ILE A 152 16.12 6.89 2.90
N ILE A 153 15.53 6.30 1.85
CA ILE A 153 14.13 6.53 1.55
C ILE A 153 13.27 6.04 2.70
N SER A 154 13.64 4.91 3.31
CA SER A 154 12.89 4.41 4.45
C SER A 154 13.02 5.34 5.65
N LEU A 155 14.20 5.92 5.86
CA LEU A 155 14.40 6.82 6.99
C LEU A 155 13.48 8.04 6.87
N VAL A 156 13.48 8.67 5.69
CA VAL A 156 12.56 9.79 5.50
C VAL A 156 11.11 9.30 5.57
N GLY A 157 10.89 8.03 5.21
CA GLY A 157 9.55 7.48 5.32
C GLY A 157 9.03 7.41 6.74
N LEU A 158 9.81 6.83 7.65
CA LEU A 158 9.38 6.83 9.05
C LEU A 158 9.34 8.24 9.62
N THR A 159 10.23 9.13 9.17
CA THR A 159 10.15 10.52 9.63
C THR A 159 8.79 11.12 9.29
N GLY A 160 8.39 11.04 8.02
CA GLY A 160 7.11 11.59 7.60
C GLY A 160 5.94 10.88 8.24
N ASN A 161 6.00 9.56 8.33
CA ASN A 161 4.91 8.80 8.94
C ASN A 161 4.77 9.15 10.42
N ALA A 162 5.89 9.32 11.11
CA ALA A 162 5.84 9.67 12.53
C ALA A 162 5.24 11.06 12.73
N VAL A 163 5.66 12.04 11.93
CA VAL A 163 5.11 13.38 12.14
C VAL A 163 3.63 13.40 11.81
N VAL A 164 3.22 12.74 10.72
CA VAL A 164 1.80 12.76 10.35
C VAL A 164 0.98 11.98 11.38
N LEU A 165 1.53 10.89 11.92
CA LEU A 165 0.82 10.14 12.96
C LEU A 165 0.66 10.97 14.22
N TRP A 166 1.72 11.69 14.62
CA TRP A 166 1.64 12.53 15.80
C TRP A 166 0.62 13.65 15.61
N LEU A 167 0.60 14.27 14.43
CA LEU A 167 -0.35 15.36 14.20
C LEU A 167 -1.79 14.85 14.14
N LEU A 168 -2.03 13.78 13.38
CA LEU A 168 -3.41 13.33 13.16
C LEU A 168 -3.96 12.61 14.38
N GLY A 169 -3.10 11.99 15.19
CA GLY A 169 -3.58 11.24 16.33
C GLY A 169 -4.29 12.11 17.36
N TYR A 170 -3.74 13.28 17.64
CA TYR A 170 -4.27 14.15 18.69
C TYR A 170 -4.66 15.52 18.17
N ARG A 171 -3.86 16.11 17.28
CA ARG A 171 -4.15 17.44 16.73
C ARG A 171 -5.02 17.36 15.48
N MET A 172 -6.14 16.65 15.59
CA MET A 172 -7.04 16.47 14.46
C MET A 172 -8.43 16.13 15.00
N ARG A 173 -9.40 16.04 14.08
CA ARG A 173 -10.79 15.80 14.45
C ARG A 173 -11.35 14.48 13.96
N ARG A 174 -10.66 13.77 13.07
CA ARG A 174 -11.11 12.49 12.52
C ARG A 174 -12.48 12.65 11.85
N ASN A 175 -12.49 13.45 10.79
CA ASN A 175 -13.77 13.87 10.23
C ASN A 175 -14.48 12.75 9.47
N ALA A 176 -13.95 12.36 8.31
CA ALA A 176 -14.47 11.20 7.60
C ALA A 176 -13.43 10.34 6.93
N VAL A 177 -12.26 10.88 6.58
CA VAL A 177 -11.28 10.18 5.77
C VAL A 177 -9.94 10.23 6.49
N SER A 178 -9.78 11.22 7.37
CA SER A 178 -8.54 11.35 8.12
C SER A 178 -8.25 10.13 8.97
N ILE A 179 -9.28 9.35 9.33
CA ILE A 179 -9.04 8.06 9.96
C ILE A 179 -8.28 7.14 9.01
N TYR A 180 -8.69 7.12 7.73
CA TYR A 180 -7.99 6.30 6.74
C TYR A 180 -6.54 6.73 6.60
N ILE A 181 -6.30 8.05 6.52
CA ILE A 181 -4.92 8.52 6.42
C ILE A 181 -4.14 8.14 7.67
N LEU A 182 -4.78 8.21 8.83
CA LEU A 182 -4.09 7.89 10.08
C LEU A 182 -3.63 6.44 10.11
N ASN A 183 -4.54 5.49 9.87
CA ASN A 183 -4.12 4.10 10.00
C ASN A 183 -3.29 3.66 8.79
N LEU A 184 -3.49 4.29 7.63
CA LEU A 184 -2.61 4.03 6.50
C LEU A 184 -1.20 4.49 6.81
N ALA A 185 -1.05 5.63 7.46
CA ALA A 185 0.27 6.11 7.85
C ALA A 185 0.89 5.21 8.91
N ALA A 186 0.08 4.68 9.82
CA ALA A 186 0.60 3.74 10.81
C ALA A 186 1.11 2.47 10.12
N ALA A 187 0.32 1.91 9.21
CA ALA A 187 0.74 0.73 8.48
C ALA A 187 1.98 1.01 7.64
N ASP A 188 2.06 2.21 7.07
CA ASP A 188 3.23 2.57 6.28
C ASP A 188 4.46 2.72 7.17
N PHE A 189 4.29 3.24 8.38
CA PHE A 189 5.40 3.29 9.32
C PHE A 189 5.89 1.88 9.63
N LEU A 190 4.96 0.95 9.82
CA LEU A 190 5.35 -0.45 9.98
C LEU A 190 6.13 -0.94 8.77
N PHE A 191 5.65 -0.61 7.57
CA PHE A 191 6.34 -0.99 6.33
C PHE A 191 7.78 -0.51 6.31
N LEU A 192 8.00 0.80 6.42
CA LEU A 192 9.37 1.30 6.30
C LEU A 192 10.24 0.84 7.46
N SER A 193 9.66 0.66 8.66
CA SER A 193 10.42 0.10 9.76
C SER A 193 10.91 -1.31 9.41
N PHE A 194 10.02 -2.13 8.84
CA PHE A 194 10.41 -3.47 8.43
C PHE A 194 11.44 -3.42 7.31
N GLN A 195 11.38 -2.39 6.47
CA GLN A 195 12.38 -2.25 5.41
C GLN A 195 13.76 -1.98 6.00
N ILE A 196 13.85 -1.07 6.97
CA ILE A 196 15.15 -0.84 7.62
C ILE A 196 15.60 -2.01 8.48
N ILE A 197 14.68 -2.83 8.98
CA ILE A 197 15.10 -4.07 9.61
C ILE A 197 15.64 -5.05 8.58
N ARG A 198 15.00 -5.13 7.41
CA ARG A 198 15.33 -6.15 6.43
C ARG A 198 16.64 -5.87 5.72
N LEU A 199 16.73 -4.74 5.03
CA LEU A 199 17.80 -4.53 4.04
C LEU A 199 19.22 -4.64 4.59
N PRO A 200 19.59 -4.06 5.74
CA PRO A 200 21.00 -4.13 6.14
C PRO A 200 21.50 -5.53 6.47
N LEU A 201 20.60 -6.50 6.65
CA LEU A 201 20.99 -7.89 6.84
C LEU A 201 21.23 -8.63 5.54
N ARG A 202 21.02 -7.99 4.39
CA ARG A 202 21.30 -8.65 3.12
C ARG A 202 22.80 -8.70 2.85
N LEU A 203 23.57 -7.75 3.37
CA LEU A 203 24.99 -7.69 3.08
C LEU A 203 25.84 -8.49 4.05
N ILE A 204 25.36 -8.68 5.28
CA ILE A 204 26.12 -9.35 6.33
C ILE A 204 25.26 -10.47 6.93
N ASN A 205 25.87 -11.63 7.17
CA ASN A 205 25.24 -12.77 7.81
C ASN A 205 24.01 -13.24 7.03
N ILE A 206 24.28 -13.71 5.81
CA ILE A 206 23.23 -14.28 4.97
C ILE A 206 22.70 -15.54 5.63
N SER A 207 21.37 -15.67 5.69
CA SER A 207 20.73 -16.75 6.42
C SER A 207 19.70 -17.48 5.57
N HIS A 208 19.04 -16.75 4.67
CA HIS A 208 18.18 -17.31 3.64
C HIS A 208 16.86 -17.89 4.18
N LEU A 209 16.65 -17.84 5.49
CA LEU A 209 15.39 -18.34 6.05
C LEU A 209 14.63 -17.23 6.75
N ILE A 210 15.29 -16.54 7.68
CA ILE A 210 14.65 -15.41 8.36
C ILE A 210 14.25 -14.36 7.34
N ARG A 211 14.96 -14.30 6.21
CA ARG A 211 14.59 -13.39 5.13
C ARG A 211 13.20 -13.70 4.60
N LYS A 212 12.95 -15.00 4.35
CA LYS A 212 11.61 -15.43 3.98
C LYS A 212 10.60 -15.08 5.06
N ILE A 213 10.99 -15.23 6.33
CA ILE A 213 10.06 -14.83 7.38
C ILE A 213 9.73 -13.34 7.31
N LEU A 214 10.72 -12.47 7.11
CA LEU A 214 10.41 -11.04 7.10
C LEU A 214 9.54 -10.68 5.91
N VAL A 215 9.83 -11.23 4.72
CA VAL A 215 8.98 -10.86 3.57
C VAL A 215 7.57 -11.40 3.77
N SER A 216 7.45 -12.60 4.35
CA SER A 216 6.12 -13.14 4.65
C SER A 216 5.34 -12.23 5.58
N VAL A 217 5.95 -11.78 6.67
CA VAL A 217 5.19 -10.93 7.59
C VAL A 217 4.94 -9.56 6.97
N MET A 218 5.90 -9.04 6.21
CA MET A 218 5.78 -7.72 5.58
C MET A 218 4.71 -7.69 4.50
N THR A 219 4.35 -8.86 3.96
CA THR A 219 3.21 -8.93 3.05
C THR A 219 1.94 -8.36 3.67
N PHE A 220 1.76 -8.50 4.99
CA PHE A 220 0.52 -8.06 5.61
C PHE A 220 0.40 -6.54 5.69
N PRO A 221 1.39 -5.79 6.19
CA PRO A 221 1.28 -4.32 6.13
C PRO A 221 1.18 -3.77 4.72
N TYR A 222 1.82 -4.42 3.74
CA TYR A 222 1.71 -3.95 2.36
C TYR A 222 0.27 -4.08 1.87
N PHE A 223 -0.35 -5.23 2.16
CA PHE A 223 -1.74 -5.41 1.79
C PHE A 223 -2.63 -4.41 2.50
N THR A 224 -2.34 -4.12 3.78
CA THR A 224 -3.12 -3.14 4.51
C THR A 224 -3.00 -1.76 3.87
N GLY A 225 -1.78 -1.37 3.49
CA GLY A 225 -1.58 -0.07 2.88
C GLY A 225 -2.28 0.06 1.53
N LEU A 226 -2.19 -0.98 0.69
CA LEU A 226 -2.90 -0.93 -0.57
C LEU A 226 -4.41 -0.90 -0.36
N SER A 227 -4.90 -1.65 0.63
CA SER A 227 -6.33 -1.62 0.93
C SER A 227 -6.77 -0.25 1.39
N MET A 228 -5.94 0.43 2.19
CA MET A 228 -6.28 1.77 2.64
C MET A 228 -6.25 2.78 1.50
N LEU A 229 -5.29 2.65 0.58
CA LEU A 229 -5.29 3.53 -0.59
C LEU A 229 -6.55 3.33 -1.42
N SER A 230 -6.92 2.08 -1.66
CA SER A 230 -8.15 1.80 -2.41
C SER A 230 -9.37 2.32 -1.67
N ALA A 231 -9.39 2.17 -0.34
CA ALA A 231 -10.51 2.66 0.44
C ALA A 231 -10.62 4.17 0.37
N ILE A 232 -9.49 4.88 0.44
CA ILE A 232 -9.50 6.33 0.31
C ILE A 232 -10.03 6.73 -1.06
N SER A 233 -9.57 6.06 -2.11
CA SER A 233 -10.01 6.41 -3.46
C SER A 233 -11.51 6.20 -3.61
N THR A 234 -12.01 5.02 -3.24
CA THR A 234 -13.44 4.77 -3.40
C THR A 234 -14.26 5.62 -2.45
N GLU A 235 -13.69 6.02 -1.31
CA GLU A 235 -14.43 6.82 -0.35
C GLU A 235 -14.59 8.25 -0.87
N ARG A 236 -13.53 8.81 -1.44
CA ARG A 236 -13.63 10.10 -2.10
C ARG A 236 -14.59 10.04 -3.29
N CYS A 237 -14.54 8.94 -4.04
CA CYS A 237 -15.47 8.79 -5.17
C CYS A 237 -16.92 8.78 -4.69
N LEU A 238 -17.19 8.07 -3.59
CA LEU A 238 -18.55 8.04 -3.05
C LEU A 238 -18.97 9.39 -2.50
N SER A 239 -18.03 10.11 -1.88
CA SER A 239 -18.35 11.44 -1.36
C SER A 239 -18.71 12.40 -2.49
N VAL A 240 -17.98 12.33 -3.61
CA VAL A 240 -18.28 13.19 -4.74
C VAL A 240 -19.58 12.75 -5.43
N LEU A 241 -19.81 11.45 -5.55
CA LEU A 241 -20.99 10.96 -6.26
C LEU A 241 -22.28 11.36 -5.54
N TRP A 242 -22.35 11.09 -4.23
CA TRP A 242 -23.50 11.46 -3.41
C TRP A 242 -22.99 12.23 -2.20
N PRO A 243 -22.92 13.56 -2.29
CA PRO A 243 -22.42 14.34 -1.16
C PRO A 243 -23.42 14.45 -0.02
N ILE A 244 -24.72 14.52 -0.33
CA ILE A 244 -25.72 14.63 0.72
C ILE A 244 -25.72 13.39 1.60
N TRP A 245 -25.70 12.21 0.99
CA TRP A 245 -25.63 10.97 1.76
C TRP A 245 -24.34 10.91 2.57
N TYR A 246 -23.23 11.31 1.96
CA TYR A 246 -21.96 11.28 2.66
C TYR A 246 -21.97 12.16 3.90
N ARG A 247 -22.46 13.39 3.78
CA ARG A 247 -22.36 14.34 4.88
C ARG A 247 -23.45 14.14 5.92
N CYS A 248 -24.63 13.67 5.51
CA CYS A 248 -25.77 13.54 6.41
C CYS A 248 -26.03 12.09 6.81
N ARG A 249 -26.23 11.21 5.84
CA ARG A 249 -26.77 9.88 6.09
C ARG A 249 -25.70 8.81 6.31
N ARG A 250 -24.43 9.18 6.38
CA ARG A 250 -23.42 8.20 6.71
C ARG A 250 -23.52 7.85 8.20
N PRO A 251 -23.26 6.60 8.58
CA PRO A 251 -23.37 6.20 9.99
C PRO A 251 -22.36 6.88 10.90
N THR A 252 -21.40 7.61 10.34
CA THR A 252 -20.37 8.34 11.07
C THR A 252 -19.45 7.41 11.87
N HIS A 253 -19.63 6.10 11.71
CA HIS A 253 -18.67 5.15 12.25
C HIS A 253 -18.34 4.07 11.22
N LEU A 254 -18.80 4.21 9.98
CA LEU A 254 -18.47 3.24 8.94
C LEU A 254 -16.98 3.22 8.66
N SER A 255 -16.29 4.33 8.88
CA SER A 255 -14.85 4.38 8.63
C SER A 255 -14.11 3.38 9.50
N ALA A 256 -14.40 3.36 10.80
CA ALA A 256 -13.74 2.43 11.70
C ALA A 256 -14.11 0.99 11.38
N VAL A 257 -15.38 0.74 11.05
CA VAL A 257 -15.82 -0.62 10.74
C VAL A 257 -15.10 -1.14 9.51
N VAL A 258 -15.07 -0.34 8.44
CA VAL A 258 -14.41 -0.79 7.22
C VAL A 258 -12.90 -0.86 7.44
N CYS A 259 -12.35 -0.02 8.29
CA CYS A 259 -10.92 -0.11 8.60
C CYS A 259 -10.59 -1.44 9.28
N VAL A 260 -11.39 -1.83 10.27
CA VAL A 260 -11.10 -3.09 10.95
C VAL A 260 -11.39 -4.28 10.04
N LEU A 261 -12.38 -4.16 9.15
CA LEU A 261 -12.59 -5.23 8.17
C LEU A 261 -11.41 -5.36 7.22
N LEU A 262 -10.85 -4.23 6.77
CA LEU A 262 -9.68 -4.27 5.91
C LEU A 262 -8.48 -4.87 6.64
N TRP A 263 -8.29 -4.51 7.91
CA TRP A 263 -7.19 -5.09 8.68
C TRP A 263 -7.39 -6.60 8.84
N GLY A 264 -8.62 -7.03 9.13
CA GLY A 264 -8.88 -8.45 9.27
C GLY A 264 -8.67 -9.23 7.98
N LEU A 265 -9.09 -8.66 6.86
CA LEU A 265 -8.86 -9.30 5.57
C LEU A 265 -7.40 -9.24 5.17
N SER A 266 -6.63 -8.31 5.73
CA SER A 266 -5.19 -8.31 5.52
C SER A 266 -4.50 -9.38 6.35
N LEU A 267 -5.04 -9.69 7.53
CA LEU A 267 -4.62 -10.91 8.21
C LEU A 267 -4.84 -12.12 7.31
N LEU A 268 -6.02 -12.20 6.70
CA LEU A 268 -6.28 -13.20 5.68
C LEU A 268 -5.52 -12.83 4.40
N PHE A 269 -5.59 -13.70 3.40
CA PHE A 269 -4.94 -13.49 2.11
C PHE A 269 -3.43 -13.31 2.23
N SER A 270 -2.87 -13.61 3.40
CA SER A 270 -1.43 -13.64 3.58
C SER A 270 -0.85 -15.03 3.36
N MET A 271 -1.69 -15.99 2.96
CA MET A 271 -1.27 -17.37 2.71
C MET A 271 -1.14 -17.66 1.22
N LEU A 272 -0.61 -16.71 0.45
CA LEU A 272 -0.41 -16.95 -0.98
C LEU A 272 0.68 -17.98 -1.21
N GLU A 273 1.91 -17.68 -0.82
CA GLU A 273 3.03 -18.60 -0.98
C GLU A 273 3.03 -19.72 0.06
N TRP A 274 2.42 -19.50 1.22
CA TRP A 274 2.50 -20.45 2.33
C TRP A 274 1.64 -21.69 2.06
N ARG A 275 2.12 -22.51 1.13
CA ARG A 275 1.62 -23.87 0.97
C ARG A 275 2.40 -24.83 1.88
N PHE A 276 2.49 -24.45 3.15
CA PHE A 276 3.22 -25.21 4.16
C PHE A 276 2.25 -25.67 5.25
N CYS A 277 1.97 -26.97 5.28
CA CYS A 277 1.09 -27.59 6.28
C CYS A 277 -0.26 -26.86 6.40
N ASP A 278 -0.74 -26.32 5.28
CA ASP A 278 -2.03 -25.63 5.28
C ASP A 278 -3.17 -26.60 5.57
N PHE A 279 -3.11 -27.81 5.01
CA PHE A 279 -4.13 -28.82 5.23
C PHE A 279 -3.85 -29.49 6.58
N LEU A 280 -4.64 -29.11 7.58
CA LEU A 280 -4.50 -29.63 8.94
C LEU A 280 -5.65 -30.54 9.30
N PHE A 281 -6.37 -31.03 8.30
CA PHE A 281 -7.53 -31.89 8.53
C PHE A 281 -7.36 -33.23 7.81
N SER A 286 -9.35 -29.56 3.46
CA SER A 286 -8.96 -30.56 2.49
C SER A 286 -9.08 -30.02 1.06
N SER A 287 -10.18 -29.33 0.79
CA SER A 287 -10.40 -28.72 -0.52
C SER A 287 -9.70 -27.36 -0.57
N TRP A 288 -8.38 -27.44 -0.69
CA TRP A 288 -7.50 -26.28 -0.64
C TRP A 288 -6.52 -26.34 -1.80
N CYS A 289 -6.38 -25.21 -2.50
CA CYS A 289 -5.61 -25.15 -3.74
C CYS A 289 -4.15 -25.40 -3.43
N GLU A 290 -3.65 -26.59 -3.75
CA GLU A 290 -2.32 -27.03 -3.35
C GLU A 290 -1.23 -26.04 -3.77
N THR A 291 -1.12 -25.77 -5.06
CA THR A 291 -0.05 -24.89 -5.54
C THR A 291 -0.61 -23.65 -6.22
N SER A 292 -1.63 -23.84 -7.05
CA SER A 292 -2.20 -22.73 -7.83
C SER A 292 -3.32 -22.08 -7.02
N ASP A 293 -2.94 -21.50 -5.90
CA ASP A 293 -3.85 -20.75 -5.03
C ASP A 293 -3.74 -19.27 -5.41
N PHE A 294 -4.69 -18.81 -6.23
CA PHE A 294 -4.66 -17.44 -6.75
C PHE A 294 -5.78 -16.60 -6.16
N ILE A 295 -6.16 -16.88 -4.91
CA ILE A 295 -7.20 -16.10 -4.24
C ILE A 295 -6.62 -14.80 -3.71
N PRO A 296 -5.45 -14.78 -3.06
CA PRO A 296 -4.83 -13.48 -2.75
C PRO A 296 -4.51 -12.65 -3.98
N VAL A 297 -4.14 -13.29 -5.10
CA VAL A 297 -3.96 -12.55 -6.34
C VAL A 297 -5.28 -11.94 -6.79
N ALA A 298 -6.38 -12.69 -6.64
CA ALA A 298 -7.69 -12.14 -6.96
C ALA A 298 -8.02 -10.94 -6.08
N TRP A 299 -7.69 -11.02 -4.78
CA TRP A 299 -7.92 -9.89 -3.89
C TRP A 299 -7.10 -8.67 -4.31
N LEU A 300 -5.83 -8.88 -4.65
CA LEU A 300 -4.97 -7.77 -5.06
C LEU A 300 -5.48 -7.14 -6.35
N ILE A 301 -5.85 -7.96 -7.33
CA ILE A 301 -6.35 -7.41 -8.59
C ILE A 301 -7.68 -6.72 -8.38
N PHE A 302 -8.51 -7.22 -7.46
CA PHE A 302 -9.75 -6.53 -7.13
C PHE A 302 -9.48 -5.17 -6.52
N LEU A 303 -8.50 -5.08 -5.61
CA LEU A 303 -8.14 -3.80 -5.02
C LEU A 303 -7.67 -2.82 -6.08
N CYS A 304 -6.79 -3.28 -6.97
CA CYS A 304 -6.27 -2.41 -8.01
C CYS A 304 -7.38 -1.93 -8.94
N VAL A 305 -8.25 -2.85 -9.37
CA VAL A 305 -9.29 -2.49 -10.32
C VAL A 305 -10.34 -1.59 -9.67
N VAL A 306 -10.64 -1.81 -8.39
CA VAL A 306 -11.63 -0.97 -7.73
C VAL A 306 -11.07 0.43 -7.50
N LEU A 307 -9.77 0.55 -7.18
CA LEU A 307 -9.17 1.87 -7.10
C LEU A 307 -9.21 2.58 -8.45
N CYS A 308 -8.84 1.88 -9.52
CA CYS A 308 -8.84 2.49 -10.83
C CYS A 308 -10.24 2.92 -11.26
N VAL A 309 -11.24 2.07 -11.02
CA VAL A 309 -12.60 2.40 -11.43
C VAL A 309 -13.16 3.52 -10.56
N SER A 310 -12.80 3.58 -9.27
CA SER A 310 -13.24 4.68 -8.44
C SER A 310 -12.66 6.01 -8.92
N SER A 311 -11.37 6.02 -9.25
CA SER A 311 -10.77 7.24 -9.77
C SER A 311 -11.41 7.65 -11.09
N LEU A 312 -11.67 6.67 -11.96
CA LEU A 312 -12.28 6.99 -13.25
C LEU A 312 -13.71 7.53 -13.07
N VAL A 313 -14.47 6.95 -12.16
CA VAL A 313 -15.83 7.44 -11.92
C VAL A 313 -15.81 8.84 -11.32
N LEU A 314 -14.86 9.10 -10.42
CA LEU A 314 -14.73 10.44 -9.87
C LEU A 314 -14.42 11.44 -10.98
N LEU A 315 -13.50 11.09 -11.88
CA LEU A 315 -13.17 11.99 -12.98
C LEU A 315 -14.37 12.22 -13.89
N VAL A 316 -15.13 11.16 -14.19
CA VAL A 316 -16.30 11.30 -15.06
C VAL A 316 -17.33 12.20 -14.42
N ARG A 317 -17.59 12.01 -13.12
CA ARG A 317 -18.57 12.86 -12.44
C ARG A 317 -18.12 14.31 -12.38
N ILE A 318 -16.83 14.53 -12.13
CA ILE A 318 -16.32 15.91 -12.08
C ILE A 318 -16.39 16.56 -13.46
N LEU A 319 -16.06 15.81 -14.50
CA LEU A 319 -16.03 16.36 -15.85
C LEU A 319 -17.40 16.40 -16.51
N CYS A 320 -18.44 15.91 -15.84
CA CYS A 320 -19.81 15.96 -16.36
C CYS A 320 -20.69 16.87 -15.50
N GLY A 321 -20.13 18.00 -15.06
CA GLY A 321 -20.87 18.96 -14.26
C GLY A 321 -20.41 20.38 -14.48
N SER A 322 -20.89 21.30 -13.66
CA SER A 322 -20.48 22.69 -13.76
C SER A 322 -18.99 22.84 -13.45
N ARG A 323 -18.32 23.65 -14.25
CA ARG A 323 -16.88 23.83 -14.12
C ARG A 323 -16.59 25.00 -13.20
N LYS A 324 -16.53 24.74 -11.90
CA LYS A 324 -16.02 25.73 -10.96
C LYS A 324 -14.56 26.07 -11.21
N MET A 325 -13.84 25.18 -11.88
CA MET A 325 -12.47 25.33 -12.36
C MET A 325 -11.40 25.56 -11.29
N PRO A 326 -11.40 24.80 -10.17
CA PRO A 326 -10.10 24.43 -9.59
C PRO A 326 -9.65 23.12 -10.24
N LEU A 327 -9.80 23.03 -11.56
CA LEU A 327 -9.58 21.75 -12.23
C LEU A 327 -8.14 21.64 -12.71
N THR A 328 -7.22 21.99 -11.85
CA THR A 328 -5.80 21.68 -11.98
C THR A 328 -5.26 21.02 -10.72
N ARG A 329 -5.72 21.44 -9.54
CA ARG A 329 -5.40 20.74 -8.32
C ARG A 329 -6.02 19.35 -8.32
N LEU A 330 -7.27 19.24 -8.78
CA LEU A 330 -7.93 17.94 -8.83
C LEU A 330 -7.24 17.00 -9.82
N TYR A 331 -6.83 17.52 -10.97
CA TYR A 331 -6.14 16.70 -11.95
C TYR A 331 -4.84 16.16 -11.39
N VAL A 332 -4.03 17.02 -10.78
CA VAL A 332 -2.70 16.61 -10.36
C VAL A 332 -2.78 15.63 -9.20
N THR A 333 -3.71 15.82 -8.26
CA THR A 333 -3.76 14.93 -7.11
C THR A 333 -4.22 13.54 -7.52
N ILE A 334 -5.26 13.45 -8.35
CA ILE A 334 -5.72 12.14 -8.79
C ILE A 334 -4.67 11.45 -9.65
N LEU A 335 -4.05 12.20 -10.56
CA LEU A 335 -3.02 11.62 -11.41
C LEU A 335 -1.84 11.13 -10.57
N LEU A 336 -1.44 11.91 -9.57
CA LEU A 336 -0.32 11.52 -8.72
C LEU A 336 -0.66 10.29 -7.88
N THR A 337 -1.88 10.23 -7.34
CA THR A 337 -2.26 9.06 -6.55
C THR A 337 -2.28 7.81 -7.41
N VAL A 338 -2.90 7.89 -8.59
CA VAL A 338 -2.94 6.72 -9.46
C VAL A 338 -1.54 6.32 -9.91
N LEU A 339 -0.70 7.31 -10.24
CA LEU A 339 0.65 7.00 -10.69
C LEU A 339 1.48 6.37 -9.58
N VAL A 340 1.36 6.88 -8.35
CA VAL A 340 2.15 6.33 -7.25
C VAL A 340 1.58 5.00 -6.78
N PHE A 341 0.34 4.68 -7.15
CA PHE A 341 -0.18 3.35 -6.86
C PHE A 341 0.22 2.32 -7.92
N LEU A 342 0.20 2.69 -9.20
CA LEU A 342 0.53 1.71 -10.23
C LEU A 342 2.03 1.60 -10.45
N LEU A 343 2.71 2.72 -10.70
CA LEU A 343 4.14 2.67 -10.96
C LEU A 343 4.95 2.32 -9.72
N CYS A 344 4.40 2.54 -8.53
CA CYS A 344 5.07 2.22 -7.28
C CYS A 344 4.11 1.46 -6.37
N GLY A 345 4.67 0.57 -5.55
CA GLY A 345 3.83 -0.20 -4.66
C GLY A 345 3.26 -1.44 -5.32
N LEU A 346 2.39 -1.24 -6.31
CA LEU A 346 1.86 -2.37 -7.07
C LEU A 346 2.94 -3.26 -7.67
N PRO A 347 4.08 -2.75 -8.13
CA PRO A 347 5.15 -3.67 -8.57
C PRO A 347 5.55 -4.69 -7.51
N PHE A 348 5.58 -4.30 -6.23
CA PHE A 348 5.90 -5.27 -5.18
C PHE A 348 4.87 -6.38 -5.12
N GLY A 349 3.58 -6.01 -5.17
CA GLY A 349 2.53 -7.02 -5.11
C GLY A 349 2.56 -7.97 -6.30
N ILE A 350 2.70 -7.41 -7.50
CA ILE A 350 2.74 -8.28 -8.68
C ILE A 350 4.02 -9.10 -8.68
N LEU A 351 5.11 -8.57 -8.12
CA LEU A 351 6.35 -9.33 -8.02
C LEU A 351 6.15 -10.55 -7.13
N GLY A 352 5.58 -10.35 -5.94
CA GLY A 352 5.26 -11.49 -5.09
C GLY A 352 4.32 -12.46 -5.78
N ALA A 353 3.32 -11.94 -6.49
CA ALA A 353 2.35 -12.79 -7.14
C ALA A 353 3.01 -13.71 -8.17
N LEU A 354 3.80 -13.15 -9.09
CA LEU A 354 4.36 -14.03 -10.11
C LEU A 354 5.64 -14.71 -9.66
N ILE A 355 6.16 -14.36 -8.48
CA ILE A 355 7.29 -15.09 -7.93
C ILE A 355 6.85 -16.29 -7.09
N TYR A 356 5.61 -16.29 -6.59
CA TYR A 356 5.10 -17.49 -5.95
C TYR A 356 4.18 -18.30 -6.88
N ARG A 357 3.65 -17.69 -7.94
CA ARG A 357 2.99 -18.48 -8.98
C ARG A 357 3.99 -19.37 -9.70
N MET A 358 5.09 -18.79 -10.16
CA MET A 358 6.21 -19.54 -10.72
C MET A 358 7.32 -19.55 -9.68
N HIS A 359 7.62 -20.73 -9.15
CA HIS A 359 8.55 -20.82 -8.03
C HIS A 359 9.97 -20.55 -8.49
N LEU A 360 10.35 -19.27 -8.49
CA LEU A 360 11.69 -18.83 -8.88
C LEU A 360 12.53 -18.63 -7.64
N ASN A 361 13.73 -19.21 -7.64
CA ASN A 361 14.65 -19.10 -6.52
C ASN A 361 15.45 -17.81 -6.54
N LEU A 362 14.96 -16.80 -7.27
CA LEU A 362 15.56 -15.49 -7.44
C LEU A 362 16.80 -15.57 -8.34
N GLU A 363 17.24 -16.80 -8.64
CA GLU A 363 18.29 -17.15 -9.61
C GLU A 363 19.41 -16.10 -9.55
N VAL A 364 19.94 -15.65 -10.69
CA VAL A 364 20.85 -14.52 -10.75
C VAL A 364 20.25 -13.50 -11.71
N LEU A 365 19.15 -13.90 -12.36
CA LEU A 365 18.45 -13.00 -13.27
C LEU A 365 17.42 -12.15 -12.54
N TYR A 366 16.92 -12.62 -11.40
CA TYR A 366 15.88 -11.92 -10.65
C TYR A 366 16.39 -11.37 -9.33
N CYS A 367 17.70 -11.15 -9.22
CA CYS A 367 18.26 -10.42 -8.09
C CYS A 367 18.49 -8.95 -8.43
N HIS A 368 18.08 -8.51 -9.61
CA HIS A 368 18.19 -7.12 -10.01
C HIS A 368 16.85 -6.41 -10.11
N VAL A 369 15.75 -7.15 -10.30
CA VAL A 369 14.44 -6.51 -10.38
C VAL A 369 13.75 -6.53 -9.02
N TYR A 370 14.09 -7.48 -8.14
CA TYR A 370 13.51 -7.49 -6.81
C TYR A 370 13.91 -6.25 -6.03
N LEU A 371 15.18 -5.84 -6.16
CA LEU A 371 15.63 -4.62 -5.49
C LEU A 371 14.86 -3.40 -6.00
N VAL A 372 14.64 -3.34 -7.32
CA VAL A 372 13.89 -2.22 -7.90
C VAL A 372 12.47 -2.21 -7.35
N CYS A 373 11.82 -3.37 -7.31
CA CYS A 373 10.45 -3.43 -6.81
C CYS A 373 10.38 -3.04 -5.34
N MET A 374 11.33 -3.51 -4.53
CA MET A 374 11.35 -3.18 -3.11
C MET A 374 11.53 -1.69 -2.90
N SER A 375 12.46 -1.08 -3.65
CA SER A 375 12.69 0.36 -3.51
C SER A 375 11.51 1.17 -4.02
N LEU A 376 10.83 0.70 -5.07
CA LEU A 376 9.63 1.38 -5.54
C LEU A 376 8.54 1.35 -4.48
N SER A 377 8.33 0.19 -3.84
CA SER A 377 7.36 0.11 -2.77
C SER A 377 7.75 1.00 -1.61
N SER A 378 9.05 1.05 -1.28
CA SER A 378 9.50 1.91 -0.20
C SER A 378 9.26 3.37 -0.51
N LEU A 379 9.53 3.80 -1.75
CA LEU A 379 9.31 5.19 -2.11
C LEU A 379 7.82 5.53 -2.13
N ASN A 380 6.99 4.60 -2.58
CA ASN A 380 5.54 4.81 -2.54
C ASN A 380 5.07 4.99 -1.10
N SER A 381 5.53 4.13 -0.20
CA SER A 381 5.14 4.23 1.20
C SER A 381 5.70 5.51 1.82
N SER A 382 6.87 5.96 1.37
CA SER A 382 7.48 7.16 1.89
C SER A 382 6.69 8.41 1.49
N ALA A 383 6.32 8.49 0.20
CA ALA A 383 5.58 9.65 -0.30
C ALA A 383 4.09 9.56 0.00
N ASN A 384 3.60 8.41 0.46
CA ASN A 384 2.17 8.26 0.75
C ASN A 384 1.68 9.26 1.79
N PRO A 385 2.33 9.46 2.94
CA PRO A 385 1.86 10.51 3.86
C PRO A 385 1.90 11.89 3.25
N ILE A 386 2.88 12.18 2.38
CA ILE A 386 3.01 13.51 1.81
C ILE A 386 1.75 13.90 1.06
N ILE A 387 1.39 13.11 0.04
CA ILE A 387 0.29 13.48 -0.84
C ILE A 387 -1.00 13.65 -0.06
N TYR A 388 -1.24 12.80 0.93
CA TYR A 388 -2.53 12.78 1.61
C TYR A 388 -2.61 13.72 2.80
N PHE A 389 -1.49 14.17 3.36
CA PHE A 389 -1.63 15.09 4.48
C PHE A 389 -0.84 16.39 4.31
N PHE A 390 0.39 16.32 3.82
CA PHE A 390 1.24 17.50 3.80
C PHE A 390 0.84 18.47 2.71
N VAL A 391 0.33 17.96 1.59
CA VAL A 391 -0.17 18.85 0.54
C VAL A 391 -1.35 19.66 1.06
N GLY A 392 -2.26 19.02 1.78
CA GLY A 392 -3.38 19.74 2.36
C GLY A 392 -2.95 20.71 3.44
N SER A 393 -2.04 20.28 4.31
CA SER A 393 -1.59 21.15 5.40
C SER A 393 -0.86 22.38 4.87
N PHE A 394 -0.02 22.21 3.85
CA PHE A 394 0.74 23.31 3.28
C PHE A 394 -0.06 24.13 2.28
N ARG A 395 -1.30 23.74 2.00
CA ARG A 395 -2.14 24.52 1.09
C ARG A 395 -2.54 25.87 1.69
N GLN A 396 -2.49 26.00 3.01
CA GLN A 396 -2.82 27.26 3.66
C GLN A 396 -1.85 27.57 4.78
#